data_4MKC
#
_entry.id   4MKC
#
_cell.length_a   51.640
_cell.length_b   57.650
_cell.length_c   105.990
_cell.angle_alpha   90.00
_cell.angle_beta   90.00
_cell.angle_gamma   90.00
#
_symmetry.space_group_name_H-M   'P 21 21 21'
#
loop_
_entity.id
_entity.type
_entity.pdbx_description
1 polymer 'ALK tyrosine kinase receptor'
2 non-polymer GLYCEROL
3 non-polymer 5-chloro-N~2~-[5-methyl-4-(piperidin-4-yl)-2-(propan-2-yloxy)phenyl]-N~4~-[2-(propan-2-ylsulfonyl)phenyl]pyrimidine-2,4-diamine
4 water water
#
_entity_poly.entity_id   1
_entity_poly.type   'polypeptide(L)'
_entity_poly.pdbx_seq_one_letter_code
;MSYYHHHHHHDYDIPTTENLYFQGAMGSELQSPEYKLSKLRTSTIMTDYNPNYCFAGKTSSISDLKEVPRKNITLIRGLG
HGAFGEVYEGQVSGMPNDPSPLQVAVKTLPEVCSEQDELDFLMEALIISKFNHQNIVRCIGVSLQSLPRFILLELMAGGD
LKSFLRETRPRPSQPSSLAMLDLLHVARDIACGCQYLEENHFIHRDIAARNCLLTCPGPGRVAKIGDFGMARDIYRAGYY
RKGGCAMLPVKWMPPEAFMEGIFTSKTDTWSFGVLLWEIFSLGYMPYPSKSNQEVLEFVTSGGRMDPPKNCPGPVYRIMT
QCWQHQPEDRPNFAIILERIEYCTQDPDVINTALPIEYGPLVEEEEK
;
_entity_poly.pdbx_strand_id   A
#
# COMPACT_ATOMS: atom_id res chain seq x y z
N ASN A 50 -20.84 -19.26 -6.84
CA ASN A 50 -20.08 -18.17 -6.22
C ASN A 50 -18.58 -18.51 -6.09
N PRO A 51 -17.66 -17.57 -6.42
CA PRO A 51 -16.22 -17.87 -6.32
C PRO A 51 -15.74 -18.03 -4.89
N ASN A 52 -14.78 -18.94 -4.70
CA ASN A 52 -14.18 -19.19 -3.39
C ASN A 52 -12.87 -18.44 -3.31
N TYR A 53 -12.44 -18.12 -2.09
CA TYR A 53 -11.19 -17.44 -1.86
C TYR A 53 -10.44 -18.16 -0.77
N CYS A 54 -9.14 -18.41 -1.01
CA CYS A 54 -8.30 -19.14 -0.06
CA CYS A 54 -8.33 -19.10 -0.03
C CYS A 54 -7.17 -18.25 0.46
N PHE A 55 -6.99 -18.21 1.79
CA PHE A 55 -5.95 -17.43 2.46
C PHE A 55 -5.57 -18.18 3.73
N ALA A 56 -4.24 -18.33 3.96
CA ALA A 56 -3.69 -19.08 5.11
C ALA A 56 -4.33 -20.48 5.18
N GLY A 57 -4.52 -21.07 3.99
CA GLY A 57 -5.14 -22.39 3.79
C GLY A 57 -6.59 -22.53 4.23
N LYS A 58 -7.32 -21.41 4.30
CA LYS A 58 -8.71 -21.39 4.73
C LYS A 58 -9.57 -20.80 3.62
N THR A 59 -10.67 -21.47 3.30
CA THR A 59 -11.56 -21.07 2.23
C THR A 59 -12.73 -20.23 2.73
N SER A 60 -13.03 -19.14 2.02
CA SER A 60 -14.17 -18.28 2.31
C SER A 60 -14.92 -17.98 1.00
N SER A 61 -16.16 -17.50 1.10
CA SER A 61 -17.00 -17.18 -0.06
C SER A 61 -17.91 -16.00 0.33
N ILE A 62 -18.68 -15.45 -0.65
CA ILE A 62 -19.63 -14.34 -0.45
C ILE A 62 -20.48 -14.46 0.84
N SER A 63 -20.97 -15.71 1.16
CA SER A 63 -21.78 -15.97 2.37
C SER A 63 -21.10 -15.64 3.71
N ASP A 64 -19.75 -15.60 3.74
CA ASP A 64 -18.96 -15.27 4.92
C ASP A 64 -18.79 -13.77 5.14
N LEU A 65 -19.16 -12.94 4.15
CA LEU A 65 -19.03 -11.49 4.29
C LEU A 65 -20.18 -10.99 5.16
N LYS A 66 -19.91 -10.01 6.02
CA LYS A 66 -20.96 -9.48 6.87
C LYS A 66 -21.75 -8.43 6.12
N GLU A 67 -22.97 -8.79 5.68
CA GLU A 67 -23.85 -7.89 4.95
C GLU A 67 -24.43 -6.88 5.94
N VAL A 68 -24.11 -5.60 5.79
CA VAL A 68 -24.70 -4.62 6.71
C VAL A 68 -25.96 -3.96 6.11
N PRO A 69 -27.11 -3.89 6.85
CA PRO A 69 -28.34 -3.33 6.23
C PRO A 69 -28.11 -1.96 5.60
N ARG A 70 -28.60 -1.80 4.35
CA ARG A 70 -28.45 -0.57 3.55
C ARG A 70 -28.94 0.69 4.29
N LYS A 71 -30.07 0.59 5.04
CA LYS A 71 -30.64 1.69 5.83
C LYS A 71 -29.68 2.22 6.93
N ASN A 72 -28.72 1.38 7.37
CA ASN A 72 -27.74 1.73 8.41
C ASN A 72 -26.54 2.52 7.90
N ILE A 73 -26.44 2.74 6.57
CA ILE A 73 -25.30 3.41 5.94
C ILE A 73 -25.67 4.79 5.39
N THR A 74 -24.88 5.81 5.77
CA THR A 74 -25.04 7.17 5.29
C THR A 74 -23.72 7.62 4.64
N LEU A 75 -23.80 8.15 3.41
CA LEU A 75 -22.63 8.73 2.74
C LEU A 75 -22.54 10.18 3.16
N ILE A 76 -21.32 10.64 3.45
CA ILE A 76 -21.10 12.01 3.92
C ILE A 76 -20.48 12.89 2.85
N ARG A 77 -19.39 12.43 2.23
CA ARG A 77 -18.67 13.18 1.20
C ARG A 77 -17.82 12.25 0.37
N GLY A 78 -17.43 12.68 -0.82
CA GLY A 78 -16.52 11.94 -1.68
C GLY A 78 -15.08 12.13 -1.24
N LEU A 79 -14.23 11.09 -1.36
CA LEU A 79 -12.82 11.18 -0.94
C LEU A 79 -11.88 11.01 -2.13
N GLY A 80 -12.47 10.73 -3.29
CA GLY A 80 -11.72 10.46 -4.50
C GLY A 80 -12.13 9.13 -5.10
N HIS A 81 -11.35 8.66 -6.09
CA HIS A 81 -11.69 7.43 -6.81
C HIS A 81 -10.70 6.32 -6.59
N GLY A 82 -11.25 5.11 -6.53
CA GLY A 82 -10.49 3.86 -6.45
C GLY A 82 -10.31 3.33 -7.85
N ALA A 83 -9.90 2.05 -7.98
CA ALA A 83 -9.65 1.37 -9.25
C ALA A 83 -10.83 1.47 -10.21
N PHE A 84 -12.04 1.21 -9.71
CA PHE A 84 -13.26 1.28 -10.49
C PHE A 84 -14.43 1.68 -9.59
N GLY A 85 -14.58 2.99 -9.37
CA GLY A 85 -15.63 3.59 -8.54
C GLY A 85 -15.16 4.64 -7.55
N GLU A 86 -16.08 5.55 -7.16
CA GLU A 86 -15.86 6.62 -6.18
CA GLU A 86 -15.78 6.61 -6.19
C GLU A 86 -15.72 6.01 -4.77
N VAL A 87 -14.96 6.66 -3.87
CA VAL A 87 -14.84 6.23 -2.48
C VAL A 87 -15.42 7.37 -1.65
N TYR A 88 -16.23 7.05 -0.65
CA TYR A 88 -16.87 8.05 0.20
C TYR A 88 -16.53 7.89 1.65
N GLU A 89 -16.57 9.00 2.39
CA GLU A 89 -16.54 8.96 3.83
C GLU A 89 -18.02 8.63 4.19
N GLY A 90 -18.21 7.68 5.09
CA GLY A 90 -19.54 7.27 5.50
C GLY A 90 -19.68 6.99 6.98
N GLN A 91 -20.90 6.57 7.36
CA GLN A 91 -21.27 6.24 8.72
C GLN A 91 -22.14 5.02 8.76
N VAL A 92 -21.88 4.11 9.71
CA VAL A 92 -22.66 2.90 9.93
C VAL A 92 -23.18 3.00 11.36
N SER A 93 -24.51 2.92 11.52
CA SER A 93 -25.22 2.98 12.80
C SER A 93 -25.39 1.59 13.43
N SER A 100 -23.63 6.92 18.26
CA SER A 100 -22.19 6.67 18.16
C SER A 100 -21.85 5.87 16.86
N PRO A 101 -22.02 6.48 15.65
CA PRO A 101 -21.77 5.71 14.42
C PRO A 101 -20.33 5.33 14.14
N LEU A 102 -20.15 4.20 13.43
CA LEU A 102 -18.85 3.74 12.96
C LEU A 102 -18.49 4.61 11.77
N GLN A 103 -17.29 5.20 11.78
CA GLN A 103 -16.78 6.02 10.69
C GLN A 103 -16.18 5.05 9.69
N VAL A 104 -16.58 5.16 8.42
CA VAL A 104 -16.15 4.24 7.38
C VAL A 104 -15.76 4.92 6.09
N ALA A 105 -14.99 4.19 5.29
CA ALA A 105 -14.67 4.54 3.92
C ALA A 105 -15.59 3.60 3.13
N VAL A 106 -16.35 4.15 2.19
CA VAL A 106 -17.29 3.36 1.40
C VAL A 106 -16.80 3.24 -0.03
N LYS A 107 -16.36 2.04 -0.44
CA LYS A 107 -15.95 1.79 -1.81
C LYS A 107 -17.21 1.37 -2.56
N THR A 108 -17.47 1.99 -3.71
CA THR A 108 -18.67 1.72 -4.49
C THR A 108 -18.34 1.00 -5.79
N LEU A 109 -19.31 0.25 -6.29
CA LEU A 109 -19.17 -0.44 -7.55
C LEU A 109 -20.14 0.24 -8.52
N PRO A 110 -19.65 0.75 -9.67
CA PRO A 110 -20.57 1.36 -10.66
C PRO A 110 -21.67 0.40 -11.09
N GLU A 111 -22.90 0.91 -11.16
CA GLU A 111 -24.06 0.12 -11.55
C GLU A 111 -23.91 -0.36 -12.99
N VAL A 112 -23.28 0.46 -13.84
CA VAL A 112 -22.98 0.08 -15.23
C VAL A 112 -21.58 -0.53 -15.22
N CYS A 113 -21.54 -1.86 -15.13
CA CYS A 113 -20.27 -2.59 -15.06
C CYS A 113 -20.46 -3.97 -15.66
N SER A 114 -19.35 -4.61 -16.05
CA SER A 114 -19.37 -5.96 -16.60
C SER A 114 -19.48 -6.98 -15.46
N GLU A 115 -19.76 -8.26 -15.80
CA GLU A 115 -19.84 -9.36 -14.83
C GLU A 115 -18.46 -9.59 -14.18
N GLN A 116 -17.36 -9.28 -14.91
CA GLN A 116 -15.97 -9.41 -14.43
C GLN A 116 -15.69 -8.35 -13.37
N ASP A 117 -16.23 -7.12 -13.58
CA ASP A 117 -16.09 -6.03 -12.61
C ASP A 117 -16.78 -6.42 -11.28
N GLU A 118 -17.97 -7.06 -11.37
CA GLU A 118 -18.75 -7.55 -10.23
C GLU A 118 -17.96 -8.60 -9.45
N LEU A 119 -17.31 -9.55 -10.16
CA LEU A 119 -16.53 -10.61 -9.54
C LEU A 119 -15.24 -10.06 -8.92
N ASP A 120 -14.63 -9.04 -9.57
CA ASP A 120 -13.42 -8.37 -9.03
C ASP A 120 -13.76 -7.69 -7.71
N PHE A 121 -14.91 -7.00 -7.66
CA PHE A 121 -15.42 -6.28 -6.49
C PHE A 121 -15.66 -7.26 -5.33
N LEU A 122 -16.31 -8.39 -5.61
CA LEU A 122 -16.53 -9.41 -4.59
C LEU A 122 -15.19 -9.95 -4.06
N MET A 123 -14.24 -10.25 -4.97
CA MET A 123 -12.93 -10.79 -4.56
C MET A 123 -12.17 -9.82 -3.68
N GLU A 124 -12.26 -8.51 -3.95
CA GLU A 124 -11.61 -7.50 -3.12
C GLU A 124 -12.12 -7.56 -1.66
N ALA A 125 -13.45 -7.69 -1.50
CA ALA A 125 -14.14 -7.76 -0.20
C ALA A 125 -13.66 -9.01 0.55
N LEU A 126 -13.62 -10.16 -0.14
CA LEU A 126 -13.13 -11.43 0.43
C LEU A 126 -11.68 -11.31 0.91
N ILE A 127 -10.81 -10.74 0.07
CA ILE A 127 -9.39 -10.54 0.41
C ILE A 127 -9.18 -9.72 1.67
N ILE A 128 -9.76 -8.50 1.70
CA ILE A 128 -9.60 -7.61 2.86
C ILE A 128 -10.24 -8.22 4.13
N SER A 129 -11.47 -8.81 4.00
CA SER A 129 -12.15 -9.39 5.17
CA SER A 129 -12.15 -9.39 5.17
C SER A 129 -11.38 -10.54 5.84
N LYS A 130 -10.53 -11.28 5.08
CA LYS A 130 -9.76 -12.39 5.65
C LYS A 130 -8.47 -12.03 6.39
N PHE A 131 -7.97 -10.79 6.19
CA PHE A 131 -6.75 -10.39 6.91
C PHE A 131 -7.13 -9.98 8.31
N ASN A 132 -6.22 -10.19 9.26
CA ASN A 132 -6.35 -9.80 10.66
C ASN A 132 -5.01 -9.26 11.15
N HIS A 133 -4.76 -7.98 10.87
CA HIS A 133 -3.51 -7.34 11.29
C HIS A 133 -3.71 -5.84 11.49
N GLN A 134 -3.07 -5.31 12.53
CA GLN A 134 -3.22 -3.89 12.85
C GLN A 134 -2.71 -2.94 11.74
N ASN A 135 -1.83 -3.41 10.84
CA ASN A 135 -1.28 -2.59 9.76
C ASN A 135 -1.91 -2.85 8.40
N ILE A 136 -3.12 -3.43 8.40
CA ILE A 136 -3.92 -3.65 7.21
C ILE A 136 -5.31 -3.12 7.58
N VAL A 137 -5.89 -2.26 6.71
CA VAL A 137 -7.22 -1.68 6.92
C VAL A 137 -8.26 -2.75 7.19
N ARG A 138 -9.11 -2.53 8.20
CA ARG A 138 -10.16 -3.46 8.52
C ARG A 138 -11.32 -3.28 7.55
N CYS A 139 -12.07 -4.36 7.34
CA CYS A 139 -13.33 -4.38 6.59
C CYS A 139 -14.44 -4.49 7.62
N ILE A 140 -15.28 -3.45 7.72
CA ILE A 140 -16.44 -3.40 8.63
C ILE A 140 -17.50 -4.38 8.11
N GLY A 141 -17.67 -4.40 6.80
CA GLY A 141 -18.62 -5.27 6.13
C GLY A 141 -18.80 -4.89 4.67
N VAL A 142 -19.94 -5.30 4.11
CA VAL A 142 -20.31 -5.03 2.72
C VAL A 142 -21.80 -4.74 2.66
N SER A 143 -22.26 -4.20 1.54
CA SER A 143 -23.68 -4.00 1.27
C SER A 143 -23.80 -4.35 -0.22
N LEU A 144 -23.94 -5.65 -0.51
CA LEU A 144 -23.99 -6.19 -1.88
C LEU A 144 -25.40 -6.47 -2.34
N GLN A 145 -26.37 -6.46 -1.42
CA GLN A 145 -27.77 -6.76 -1.72
C GLN A 145 -28.57 -5.52 -2.15
N SER A 146 -27.90 -4.37 -2.28
CA SER A 146 -28.50 -3.13 -2.75
C SER A 146 -27.55 -2.51 -3.74
N LEU A 147 -28.09 -1.73 -4.70
CA LEU A 147 -27.30 -1.07 -5.75
C LEU A 147 -27.20 0.46 -5.54
N PRO A 148 -26.03 1.11 -5.75
CA PRO A 148 -24.72 0.52 -6.09
C PRO A 148 -24.20 -0.32 -4.92
N ARG A 149 -23.40 -1.35 -5.22
CA ARG A 149 -22.84 -2.23 -4.18
C ARG A 149 -21.75 -1.54 -3.39
N PHE A 150 -21.66 -1.82 -2.08
CA PHE A 150 -20.64 -1.18 -1.25
C PHE A 150 -19.72 -2.18 -0.54
N ILE A 151 -18.47 -1.74 -0.28
CA ILE A 151 -17.51 -2.41 0.60
C ILE A 151 -17.21 -1.35 1.66
N LEU A 152 -17.38 -1.71 2.95
CA LEU A 152 -17.20 -0.77 4.06
C LEU A 152 -15.89 -1.04 4.74
N LEU A 153 -14.98 -0.05 4.69
CA LEU A 153 -13.65 -0.21 5.28
C LEU A 153 -13.40 0.80 6.37
N GLU A 154 -12.39 0.53 7.19
CA GLU A 154 -11.95 1.39 8.28
C GLU A 154 -11.59 2.78 7.69
N LEU A 155 -12.17 3.84 8.23
CA LEU A 155 -11.89 5.19 7.76
C LEU A 155 -10.51 5.58 8.25
N MET A 156 -9.64 6.04 7.34
CA MET A 156 -8.28 6.45 7.68
C MET A 156 -8.23 7.97 7.57
N ALA A 157 -8.34 8.63 8.72
CA ALA A 157 -8.45 10.08 8.85
C ALA A 157 -7.19 10.91 8.49
N GLY A 158 -6.08 10.23 8.23
CA GLY A 158 -4.85 10.90 7.78
C GLY A 158 -4.71 10.89 6.27
N GLY A 159 -5.66 10.24 5.58
CA GLY A 159 -5.66 10.06 4.12
C GLY A 159 -4.56 9.12 3.65
N ASP A 160 -4.25 9.16 2.34
CA ASP A 160 -3.18 8.35 1.76
C ASP A 160 -1.81 8.94 2.14
N LEU A 161 -0.82 8.07 2.20
CA LEU A 161 0.54 8.43 2.60
C LEU A 161 1.22 9.40 1.65
N LYS A 162 1.04 9.21 0.32
CA LYS A 162 1.66 10.07 -0.69
C LYS A 162 1.21 11.51 -0.54
N SER A 163 -0.11 11.74 -0.38
CA SER A 163 -0.61 13.10 -0.21
C SER A 163 -0.25 13.64 1.17
N PHE A 164 -0.17 12.78 2.21
CA PHE A 164 0.27 13.22 3.54
C PHE A 164 1.72 13.75 3.49
N LEU A 165 2.66 13.01 2.84
CA LEU A 165 4.07 13.44 2.75
C LEU A 165 4.23 14.74 1.97
N ARG A 166 3.53 14.85 0.84
CA ARG A 166 3.56 16.06 0.01
C ARG A 166 3.00 17.29 0.75
N GLU A 167 1.90 17.13 1.50
CA GLU A 167 1.22 18.21 2.25
C GLU A 167 1.82 18.54 3.62
N THR A 168 2.49 17.59 4.28
CA THR A 168 3.05 17.78 5.61
C THR A 168 4.56 18.10 5.56
N ARG A 169 5.12 18.19 4.33
CA ARG A 169 6.53 18.55 4.08
C ARG A 169 6.91 19.79 4.91
N PRO A 170 8.01 19.78 5.70
CA PRO A 170 8.39 21.00 6.46
C PRO A 170 8.59 22.19 5.54
N ARG A 171 7.97 23.33 5.89
CA ARG A 171 7.99 24.60 5.16
C ARG A 171 8.41 25.74 6.12
N PRO A 172 8.77 26.98 5.68
CA PRO A 172 9.06 28.04 6.66
C PRO A 172 7.86 28.31 7.58
N SER A 173 6.63 28.07 7.05
CA SER A 173 5.35 28.18 7.76
C SER A 173 5.21 27.05 8.81
N GLN A 174 5.59 25.80 8.45
CA GLN A 174 5.55 24.61 9.31
C GLN A 174 7.01 24.13 9.55
N PRO A 175 7.80 24.76 10.47
CA PRO A 175 9.21 24.35 10.64
C PRO A 175 9.46 22.88 10.96
N SER A 176 8.70 22.31 11.90
CA SER A 176 8.74 20.86 12.12
C SER A 176 7.36 20.29 12.04
N SER A 177 6.84 20.28 10.85
CA SER A 177 5.66 19.52 10.61
C SER A 177 5.97 18.05 10.85
N LEU A 178 7.14 17.63 10.41
CA LEU A 178 7.51 16.25 10.32
C LEU A 178 9.01 16.05 10.63
N ALA A 179 9.38 14.94 11.26
CA ALA A 179 10.77 14.64 11.61
C ALA A 179 11.13 13.24 11.14
N MET A 180 12.43 12.88 11.16
CA MET A 180 12.95 11.56 10.75
C MET A 180 12.23 10.42 11.48
N LEU A 181 11.92 10.60 12.81
CA LEU A 181 11.20 9.56 13.56
C LEU A 181 9.78 9.28 13.02
N ASP A 182 9.06 10.32 12.57
CA ASP A 182 7.73 10.11 11.96
C ASP A 182 7.83 9.22 10.73
N LEU A 183 8.89 9.42 9.91
CA LEU A 183 9.10 8.65 8.68
C LEU A 183 9.46 7.20 8.99
N LEU A 184 10.33 7.01 9.98
CA LEU A 184 10.73 5.69 10.45
C LEU A 184 9.55 4.89 11.04
N HIS A 185 8.61 5.57 11.75
CA HIS A 185 7.41 4.94 12.31
C HIS A 185 6.47 4.48 11.18
N VAL A 186 6.25 5.33 10.14
CA VAL A 186 5.44 4.94 8.97
C VAL A 186 6.08 3.68 8.31
N ALA A 187 7.43 3.73 8.10
CA ALA A 187 8.17 2.63 7.48
C ALA A 187 8.02 1.32 8.29
N ARG A 188 8.20 1.39 9.62
CA ARG A 188 8.05 0.26 10.54
C ARG A 188 6.63 -0.30 10.44
N ASP A 189 5.60 0.55 10.50
CA ASP A 189 4.18 0.16 10.44
C ASP A 189 3.89 -0.66 9.19
N ILE A 190 4.35 -0.16 8.01
CA ILE A 190 4.14 -0.85 6.74
C ILE A 190 4.95 -2.13 6.67
N ALA A 191 6.22 -2.11 7.17
CA ALA A 191 7.06 -3.32 7.20
C ALA A 191 6.37 -4.43 8.06
N CYS A 192 5.66 -4.03 9.15
CA CYS A 192 4.93 -4.94 10.04
CA CYS A 192 4.95 -4.95 10.02
C CYS A 192 3.80 -5.61 9.25
N GLY A 193 3.05 -4.82 8.46
CA GLY A 193 1.99 -5.33 7.61
C GLY A 193 2.55 -6.27 6.54
N CYS A 194 3.70 -5.92 5.95
CA CYS A 194 4.35 -6.76 4.92
C CYS A 194 4.83 -8.08 5.51
N GLN A 195 5.34 -8.04 6.75
CA GLN A 195 5.82 -9.23 7.46
C GLN A 195 4.66 -10.21 7.65
N TYR A 196 3.48 -9.69 8.06
CA TYR A 196 2.26 -10.47 8.25
C TYR A 196 1.85 -11.11 6.92
N LEU A 197 1.95 -10.36 5.79
CA LEU A 197 1.62 -10.93 4.46
C LEU A 197 2.62 -12.04 4.09
N GLU A 198 3.91 -11.78 4.29
CA GLU A 198 4.99 -12.76 4.02
C GLU A 198 4.81 -14.05 4.85
N GLU A 199 4.57 -13.94 6.16
CA GLU A 199 4.36 -15.10 7.05
C GLU A 199 3.14 -15.91 6.61
N ASN A 200 2.14 -15.25 5.99
CA ASN A 200 0.93 -15.89 5.50
C ASN A 200 0.94 -16.26 4.02
N HIS A 201 2.13 -16.15 3.38
CA HIS A 201 2.40 -16.52 1.98
C HIS A 201 1.57 -15.74 0.96
N PHE A 202 1.24 -14.48 1.30
CA PHE A 202 0.47 -13.60 0.43
C PHE A 202 1.43 -12.58 -0.20
N ILE A 203 1.46 -12.49 -1.53
CA ILE A 203 2.34 -11.55 -2.22
C ILE A 203 1.50 -10.35 -2.60
N HIS A 204 1.85 -9.18 -2.05
CA HIS A 204 1.07 -7.97 -2.30
C HIS A 204 1.12 -7.51 -3.77
N ARG A 205 2.35 -7.50 -4.35
CA ARG A 205 2.67 -7.10 -5.74
C ARG A 205 2.54 -5.61 -6.06
N ASP A 206 2.07 -4.77 -5.13
CA ASP A 206 1.90 -3.33 -5.42
C ASP A 206 2.17 -2.46 -4.17
N ILE A 207 3.24 -2.76 -3.42
CA ILE A 207 3.58 -1.97 -2.23
C ILE A 207 4.07 -0.61 -2.75
N ALA A 208 3.37 0.48 -2.43
CA ALA A 208 3.69 1.82 -2.90
C ALA A 208 3.02 2.83 -1.99
N ALA A 209 3.56 4.09 -1.90
CA ALA A 209 2.96 5.11 -1.01
C ALA A 209 1.45 5.37 -1.25
N ARG A 210 1.01 5.34 -2.54
CA ARG A 210 -0.39 5.59 -2.93
C ARG A 210 -1.36 4.52 -2.36
N ASN A 211 -0.82 3.34 -1.96
CA ASN A 211 -1.59 2.22 -1.42
C ASN A 211 -1.57 2.13 0.10
N CYS A 212 -0.87 3.07 0.76
CA CYS A 212 -0.77 3.17 2.22
C CYS A 212 -1.62 4.32 2.72
N LEU A 213 -2.21 4.15 3.90
CA LEU A 213 -3.10 5.15 4.52
C LEU A 213 -2.68 5.39 5.96
N LEU A 214 -3.11 6.52 6.51
CA LEU A 214 -2.79 6.90 7.89
C LEU A 214 -4.06 7.11 8.69
N THR A 215 -4.05 6.64 9.94
CA THR A 215 -5.22 6.74 10.82
C THR A 215 -5.56 8.20 11.17
N CYS A 216 -4.53 9.06 11.27
CA CYS A 216 -4.72 10.49 11.60
C CYS A 216 -3.53 11.32 11.10
N PRO A 217 -3.67 12.65 10.88
CA PRO A 217 -2.50 13.41 10.40
C PRO A 217 -1.44 13.68 11.47
N GLY A 218 -1.89 13.84 12.72
CA GLY A 218 -1.01 14.22 13.82
C GLY A 218 -0.19 13.11 14.45
N PRO A 219 0.51 13.42 15.58
CA PRO A 219 1.29 12.38 16.27
C PRO A 219 0.36 11.27 16.76
N GLY A 220 0.86 10.04 16.70
CA GLY A 220 0.11 8.86 17.09
C GLY A 220 -0.43 8.13 15.88
N ARG A 221 -0.26 8.71 14.68
CA ARG A 221 -0.70 8.09 13.44
C ARG A 221 -0.13 6.70 13.25
N VAL A 222 -0.92 5.82 12.65
CA VAL A 222 -0.52 4.45 12.32
C VAL A 222 -0.67 4.30 10.81
N ALA A 223 0.37 3.80 10.12
CA ALA A 223 0.28 3.57 8.67
C ALA A 223 -0.19 2.14 8.43
N LYS A 224 -1.02 1.93 7.39
CA LYS A 224 -1.61 0.63 7.05
C LYS A 224 -1.69 0.43 5.57
N ILE A 225 -1.68 -0.82 5.14
CA ILE A 225 -1.83 -1.15 3.71
C ILE A 225 -3.34 -1.11 3.47
N GLY A 226 -3.75 -0.29 2.51
CA GLY A 226 -5.17 -0.06 2.26
C GLY A 226 -5.70 -0.42 0.90
N ASP A 227 -4.87 -1.05 0.05
CA ASP A 227 -5.31 -1.47 -1.29
C ASP A 227 -4.71 -2.81 -1.67
N PHE A 228 -5.52 -3.70 -2.28
CA PHE A 228 -5.09 -5.04 -2.72
C PHE A 228 -5.60 -5.34 -4.13
N GLY A 229 -5.76 -4.29 -4.93
CA GLY A 229 -6.23 -4.36 -6.32
C GLY A 229 -5.37 -5.21 -7.24
N MET A 230 -4.02 -5.08 -7.12
CA MET A 230 -3.11 -5.88 -7.94
C MET A 230 -3.19 -7.38 -7.59
N ALA A 231 -3.09 -7.70 -6.30
CA ALA A 231 -3.16 -9.07 -5.80
C ALA A 231 -4.50 -9.73 -6.16
N ARG A 232 -5.59 -8.95 -6.13
CA ARG A 232 -6.91 -9.44 -6.51
C ARG A 232 -6.90 -9.85 -7.99
N ASP A 233 -6.35 -8.96 -8.86
CA ASP A 233 -6.25 -9.18 -10.32
C ASP A 233 -5.52 -10.47 -10.67
N ILE A 234 -4.41 -10.73 -9.98
CA ILE A 234 -3.62 -11.94 -10.18
C ILE A 234 -4.36 -13.18 -9.64
N TYR A 235 -4.98 -13.08 -8.44
CA TYR A 235 -5.73 -14.19 -7.87
C TYR A 235 -6.85 -14.69 -8.81
N ARG A 236 -7.59 -13.77 -9.44
CA ARG A 236 -8.73 -14.06 -10.32
C ARG A 236 -8.37 -14.69 -11.67
N ALA A 237 -7.42 -14.09 -12.42
CA ALA A 237 -7.03 -14.54 -13.76
C ALA A 237 -5.70 -15.29 -13.86
N GLY A 238 -4.77 -14.99 -12.95
CA GLY A 238 -3.44 -15.58 -12.92
C GLY A 238 -2.38 -14.63 -13.46
N TYR A 239 -2.83 -13.65 -14.25
CA TYR A 239 -2.00 -12.63 -14.90
C TYR A 239 -2.66 -11.24 -14.79
N TYR A 240 -2.03 -10.22 -15.41
CA TYR A 240 -2.54 -8.84 -15.48
C TYR A 240 -2.87 -8.53 -16.95
N ARG A 241 -4.18 -8.47 -17.38
CA ARG A 241 -5.49 -8.63 -16.71
C ARG A 241 -6.45 -7.60 -17.34
N LYS A 242 -6.87 -6.63 -16.50
CA LYS A 242 -7.75 -5.51 -16.79
C LYS A 242 -6.89 -4.44 -17.47
N GLY A 243 -5.62 -4.35 -17.04
CA GLY A 243 -4.67 -3.39 -17.55
C GLY A 243 -3.86 -3.84 -18.74
N GLY A 244 -2.60 -3.48 -18.70
CA GLY A 244 -1.60 -3.78 -19.71
C GLY A 244 -0.27 -3.20 -19.27
N CYS A 245 0.73 -3.20 -20.18
CA CYS A 245 2.10 -2.69 -19.95
CA CYS A 245 2.07 -2.70 -19.90
C CYS A 245 2.09 -1.27 -19.35
N ALA A 246 1.30 -0.35 -19.95
CA ALA A 246 1.22 1.05 -19.52
C ALA A 246 0.62 1.28 -18.12
N MET A 247 -0.11 0.27 -17.59
CA MET A 247 -0.74 0.35 -16.27
C MET A 247 0.04 -0.35 -15.15
N LEU A 248 1.04 -1.21 -15.51
CA LEU A 248 1.86 -1.92 -14.53
C LEU A 248 2.68 -0.96 -13.66
N PRO A 249 2.86 -1.26 -12.34
CA PRO A 249 3.65 -0.37 -11.48
C PRO A 249 5.15 -0.68 -11.64
N VAL A 250 5.66 -0.45 -12.85
CA VAL A 250 7.04 -0.72 -13.30
C VAL A 250 8.09 -0.18 -12.33
N LYS A 251 7.89 1.09 -11.88
CA LYS A 251 8.84 1.78 -10.97
C LYS A 251 8.96 1.14 -9.57
N TRP A 252 8.07 0.19 -9.22
CA TRP A 252 8.09 -0.52 -7.94
C TRP A 252 8.47 -2.01 -8.10
N MET A 253 8.78 -2.46 -9.34
CA MET A 253 9.02 -3.88 -9.58
C MET A 253 10.48 -4.32 -9.72
N PRO A 254 10.85 -5.50 -9.19
CA PRO A 254 12.22 -6.02 -9.39
C PRO A 254 12.42 -6.65 -10.78
N PRO A 255 13.70 -6.88 -11.22
CA PRO A 255 13.94 -7.47 -12.55
C PRO A 255 13.24 -8.79 -12.85
N GLU A 256 13.28 -9.78 -11.94
CA GLU A 256 12.62 -11.08 -12.19
C GLU A 256 11.09 -10.96 -12.41
N ALA A 257 10.45 -9.94 -11.81
CA ALA A 257 9.01 -9.69 -11.94
C ALA A 257 8.62 -9.17 -13.32
N PHE A 258 9.24 -8.07 -13.79
CA PHE A 258 8.86 -7.55 -15.10
C PHE A 258 9.40 -8.33 -16.28
N MET A 259 10.49 -9.10 -16.08
CA MET A 259 11.13 -9.92 -17.12
C MET A 259 10.57 -11.36 -17.23
N GLU A 260 10.48 -12.09 -16.09
CA GLU A 260 10.04 -13.48 -16.10
C GLU A 260 8.63 -13.67 -15.57
N GLY A 261 8.06 -12.66 -14.93
CA GLY A 261 6.74 -12.78 -14.35
C GLY A 261 6.79 -13.59 -13.06
N ILE A 262 8.00 -13.78 -12.51
CA ILE A 262 8.23 -14.50 -11.25
C ILE A 262 7.96 -13.56 -10.09
N PHE A 263 7.03 -13.97 -9.21
CA PHE A 263 6.65 -13.24 -8.01
C PHE A 263 6.81 -14.12 -6.75
N THR A 264 7.51 -13.61 -5.73
CA THR A 264 7.74 -14.28 -4.42
C THR A 264 7.64 -13.15 -3.40
N SER A 265 7.85 -13.43 -2.09
CA SER A 265 7.84 -12.35 -1.08
C SER A 265 9.04 -11.43 -1.25
N LYS A 266 10.08 -11.89 -1.99
CA LYS A 266 11.22 -11.03 -2.30
C LYS A 266 10.84 -9.91 -3.30
N THR A 267 9.70 -10.07 -4.03
CA THR A 267 9.13 -9.04 -4.91
C THR A 267 8.69 -7.89 -4.01
N ASP A 268 7.95 -8.21 -2.93
CA ASP A 268 7.48 -7.19 -1.98
C ASP A 268 8.65 -6.48 -1.29
N THR A 269 9.76 -7.21 -1.01
CA THR A 269 10.94 -6.59 -0.42
C THR A 269 11.44 -5.48 -1.34
N TRP A 270 11.56 -5.77 -2.67
CA TRP A 270 12.02 -4.76 -3.61
C TRP A 270 11.10 -3.54 -3.57
N SER A 271 9.77 -3.74 -3.69
CA SER A 271 8.79 -2.64 -3.69
C SER A 271 8.87 -1.85 -2.38
N PHE A 272 9.10 -2.55 -1.27
CA PHE A 272 9.27 -1.90 0.03
C PHE A 272 10.44 -0.89 0.01
N GLY A 273 11.57 -1.26 -0.60
CA GLY A 273 12.72 -0.37 -0.76
C GLY A 273 12.33 0.89 -1.50
N VAL A 274 11.51 0.74 -2.57
CA VAL A 274 11.00 1.88 -3.36
C VAL A 274 10.08 2.75 -2.50
N LEU A 275 9.19 2.11 -1.72
CA LEU A 275 8.33 2.82 -0.77
C LEU A 275 9.19 3.63 0.23
N LEU A 276 10.30 3.04 0.72
CA LEU A 276 11.20 3.71 1.66
C LEU A 276 11.73 4.98 1.03
N TRP A 277 12.10 4.93 -0.27
CA TRP A 277 12.60 6.10 -1.00
C TRP A 277 11.48 7.13 -1.09
N GLU A 278 10.24 6.69 -1.41
CA GLU A 278 9.08 7.59 -1.46
C GLU A 278 8.88 8.27 -0.12
N ILE A 279 9.00 7.51 0.98
CA ILE A 279 8.85 8.07 2.33
C ILE A 279 9.92 9.13 2.60
N PHE A 280 11.21 8.74 2.47
CA PHE A 280 12.33 9.63 2.81
C PHE A 280 12.51 10.81 1.87
N SER A 281 12.00 10.72 0.63
CA SER A 281 12.01 11.85 -0.32
C SER A 281 10.85 12.82 -0.02
N LEU A 282 9.94 12.42 0.91
CA LEU A 282 8.75 13.20 1.27
C LEU A 282 7.74 13.25 0.11
N GLY A 283 7.48 12.09 -0.51
CA GLY A 283 6.44 11.96 -1.53
C GLY A 283 6.80 12.25 -2.97
N TYR A 284 8.10 12.18 -3.34
CA TYR A 284 8.46 12.34 -4.75
C TYR A 284 8.15 11.03 -5.48
N MET A 285 7.92 11.15 -6.77
CA MET A 285 7.71 10.03 -7.66
C MET A 285 9.10 9.32 -7.85
N PRO A 286 9.18 7.99 -7.69
CA PRO A 286 10.46 7.30 -7.90
C PRO A 286 11.07 7.52 -9.29
N TYR A 287 12.40 7.38 -9.38
CA TYR A 287 13.22 7.59 -10.58
C TYR A 287 12.87 8.93 -11.24
N PRO A 288 13.11 10.05 -10.52
CA PRO A 288 12.77 11.38 -11.07
C PRO A 288 13.26 11.60 -12.50
N SER A 289 12.34 12.07 -13.38
CA SER A 289 12.56 12.37 -14.80
C SER A 289 12.67 11.15 -15.75
N LYS A 290 12.53 9.93 -15.20
CA LYS A 290 12.59 8.71 -16.00
C LYS A 290 11.21 8.15 -16.29
N SER A 291 11.03 7.66 -17.52
CA SER A 291 9.79 7.01 -17.92
C SER A 291 9.88 5.51 -17.50
N ASN A 292 8.74 4.78 -17.59
CA ASN A 292 8.68 3.36 -17.29
C ASN A 292 9.72 2.54 -18.04
N GLN A 293 9.87 2.74 -19.37
CA GLN A 293 10.86 1.97 -20.13
C GLN A 293 12.29 2.32 -19.75
N GLU A 294 12.57 3.60 -19.39
CA GLU A 294 13.93 3.99 -18.99
C GLU A 294 14.28 3.32 -17.66
N VAL A 295 13.31 3.27 -16.75
CA VAL A 295 13.47 2.63 -15.44
C VAL A 295 13.80 1.16 -15.60
N LEU A 296 12.98 0.47 -16.40
CA LEU A 296 13.10 -0.93 -16.74
C LEU A 296 14.54 -1.21 -17.16
N GLU A 297 15.06 -0.49 -18.18
CA GLU A 297 16.44 -0.63 -18.69
C GLU A 297 17.50 -0.25 -17.67
N PHE A 298 17.30 0.86 -16.95
CA PHE A 298 18.20 1.36 -15.90
C PHE A 298 18.37 0.29 -14.82
N VAL A 299 17.26 -0.19 -14.25
CA VAL A 299 17.22 -1.20 -13.19
C VAL A 299 17.81 -2.56 -13.63
N THR A 300 17.47 -3.03 -14.85
CA THR A 300 18.02 -4.29 -15.36
C THR A 300 19.55 -4.22 -15.58
N SER A 301 20.09 -3.01 -15.86
CA SER A 301 21.52 -2.79 -16.08
CA SER A 301 21.53 -2.81 -16.08
C SER A 301 22.27 -2.54 -14.76
N GLY A 302 21.56 -2.65 -13.64
CA GLY A 302 22.11 -2.43 -12.31
C GLY A 302 21.92 -1.04 -11.70
N GLY A 303 21.31 -0.11 -12.44
CA GLY A 303 21.04 1.23 -11.95
C GLY A 303 20.10 1.27 -10.76
N ARG A 304 20.41 2.15 -9.79
CA ARG A 304 19.63 2.34 -8.56
C ARG A 304 19.49 3.81 -8.26
N MET A 305 18.40 4.16 -7.58
CA MET A 305 18.15 5.54 -7.16
C MET A 305 19.20 6.02 -6.18
N ASP A 306 19.52 7.30 -6.27
CA ASP A 306 20.42 7.95 -5.34
C ASP A 306 19.67 8.12 -4.00
N PRO A 307 20.35 8.44 -2.89
CA PRO A 307 19.59 8.68 -1.66
C PRO A 307 18.71 9.91 -1.79
N PRO A 308 17.48 9.90 -1.22
CA PRO A 308 16.68 11.14 -1.17
C PRO A 308 17.47 12.23 -0.41
N LYS A 309 17.10 13.49 -0.60
CA LYS A 309 17.74 14.64 0.03
C LYS A 309 17.79 14.48 1.57
N ASN A 310 19.01 14.55 2.14
CA ASN A 310 19.30 14.47 3.59
C ASN A 310 19.05 13.08 4.19
N CYS A 311 18.90 12.06 3.35
CA CYS A 311 18.64 10.72 3.86
C CYS A 311 19.83 10.20 4.66
N PRO A 312 19.64 9.77 5.92
CA PRO A 312 20.78 9.20 6.67
C PRO A 312 21.27 7.91 5.99
N GLY A 313 22.58 7.70 6.01
CA GLY A 313 23.24 6.51 5.46
C GLY A 313 22.60 5.18 5.88
N PRO A 314 22.33 4.94 7.19
CA PRO A 314 21.70 3.67 7.60
C PRO A 314 20.33 3.40 6.94
N VAL A 315 19.55 4.47 6.68
CA VAL A 315 18.25 4.36 6.01
C VAL A 315 18.47 4.00 4.54
N TYR A 316 19.38 4.72 3.86
CA TYR A 316 19.69 4.43 2.45
C TYR A 316 20.20 3.00 2.28
N ARG A 317 20.98 2.49 3.26
CA ARG A 317 21.51 1.11 3.25
C ARG A 317 20.38 0.07 3.23
N ILE A 318 19.26 0.35 3.92
CA ILE A 318 18.10 -0.55 3.89
C ILE A 318 17.56 -0.61 2.45
N MET A 319 17.37 0.55 1.81
CA MET A 319 16.89 0.62 0.42
C MET A 319 17.78 -0.18 -0.53
N THR A 320 19.12 0.00 -0.44
CA THR A 320 20.06 -0.71 -1.34
C THR A 320 20.03 -2.22 -1.16
N GLN A 321 19.82 -2.69 0.08
CA GLN A 321 19.70 -4.11 0.42
C GLN A 321 18.38 -4.67 -0.19
N CYS A 322 17.27 -3.90 -0.08
CA CYS A 322 15.98 -4.24 -0.67
C CYS A 322 16.07 -4.37 -2.19
N TRP A 323 17.00 -3.58 -2.81
CA TRP A 323 17.22 -3.55 -4.26
C TRP A 323 18.33 -4.45 -4.79
N GLN A 324 18.73 -5.49 -4.03
CA GLN A 324 19.73 -6.43 -4.53
C GLN A 324 19.16 -7.13 -5.76
N HIS A 325 19.99 -7.32 -6.80
CA HIS A 325 19.54 -7.94 -8.06
C HIS A 325 18.92 -9.33 -7.85
N GLN A 326 19.64 -10.21 -7.11
CA GLN A 326 19.18 -11.57 -6.81
C GLN A 326 18.20 -11.55 -5.64
N PRO A 327 17.00 -12.14 -5.81
CA PRO A 327 16.02 -12.14 -4.71
C PRO A 327 16.57 -12.75 -3.41
N GLU A 328 17.43 -13.80 -3.54
CA GLU A 328 18.09 -14.52 -2.42
C GLU A 328 18.94 -13.59 -1.56
N ASP A 329 19.48 -12.51 -2.15
CA ASP A 329 20.33 -11.52 -1.48
C ASP A 329 19.52 -10.42 -0.82
N ARG A 330 18.21 -10.37 -1.08
CA ARG A 330 17.37 -9.34 -0.47
C ARG A 330 16.95 -9.79 0.94
N PRO A 331 16.78 -8.86 1.90
CA PRO A 331 16.32 -9.28 3.23
C PRO A 331 14.83 -9.63 3.23
N ASN A 332 14.41 -10.49 4.17
CA ASN A 332 12.98 -10.78 4.38
C ASN A 332 12.45 -9.62 5.29
N PHE A 333 11.14 -9.60 5.58
CA PHE A 333 10.57 -8.53 6.39
C PHE A 333 10.98 -8.48 7.85
N ALA A 334 11.34 -9.64 8.44
CA ALA A 334 11.82 -9.68 9.82
C ALA A 334 13.15 -8.93 9.91
N ILE A 335 14.06 -9.12 8.92
CA ILE A 335 15.36 -8.44 8.85
C ILE A 335 15.14 -6.94 8.56
N ILE A 336 14.22 -6.61 7.63
CA ILE A 336 13.89 -5.21 7.35
C ILE A 336 13.43 -4.50 8.66
N LEU A 337 12.54 -5.13 9.45
CA LEU A 337 12.07 -4.57 10.72
C LEU A 337 13.17 -4.33 11.73
N GLU A 338 14.10 -5.31 11.89
CA GLU A 338 15.23 -5.17 12.80
C GLU A 338 16.08 -3.97 12.41
N ARG A 339 16.31 -3.78 11.09
CA ARG A 339 17.12 -2.67 10.60
C ARG A 339 16.45 -1.31 10.78
N ILE A 340 15.11 -1.23 10.57
CA ILE A 340 14.36 0.00 10.81
C ILE A 340 14.40 0.33 12.30
N GLU A 341 14.25 -0.69 13.17
CA GLU A 341 14.30 -0.54 14.63
C GLU A 341 15.65 0.01 15.09
N TYR A 342 16.75 -0.48 14.48
CA TYR A 342 18.11 0.02 14.78
C TYR A 342 18.28 1.50 14.36
N CYS A 343 17.70 1.88 13.19
CA CYS A 343 17.71 3.27 12.69
C CYS A 343 16.99 4.21 13.66
N THR A 344 15.89 3.77 14.29
CA THR A 344 15.11 4.58 15.25
C THR A 344 15.84 4.81 16.56
N GLN A 345 16.75 3.88 16.95
CA GLN A 345 17.54 3.96 18.17
C GLN A 345 18.75 4.91 18.03
N ASP A 346 19.24 5.06 16.80
CA ASP A 346 20.44 5.84 16.46
C ASP A 346 20.21 7.38 16.49
N PRO A 347 20.80 8.11 17.47
CA PRO A 347 20.62 9.58 17.49
C PRO A 347 21.04 10.30 16.22
N ASP A 348 22.12 9.84 15.59
CA ASP A 348 22.62 10.41 14.33
C ASP A 348 21.62 10.33 13.17
N VAL A 349 20.72 9.32 13.19
CA VAL A 349 19.66 9.16 12.20
C VAL A 349 18.51 10.11 12.55
N ILE A 350 17.94 9.95 13.76
CA ILE A 350 16.74 10.69 14.18
C ILE A 350 16.94 12.18 14.43
N ASN A 351 18.19 12.61 14.67
CA ASN A 351 18.50 14.04 14.82
C ASN A 351 18.76 14.72 13.48
N THR A 352 18.70 13.95 12.36
CA THR A 352 18.93 14.54 11.03
C THR A 352 17.72 15.37 10.64
N ALA A 353 17.94 16.63 10.28
CA ALA A 353 16.86 17.53 9.86
C ALA A 353 16.37 17.14 8.47
N LEU A 354 15.04 17.21 8.26
CA LEU A 354 14.46 16.99 6.93
C LEU A 354 14.68 18.27 6.15
N PRO A 355 14.79 18.22 4.80
CA PRO A 355 14.94 19.47 4.04
C PRO A 355 13.67 20.31 4.15
N ILE A 356 13.84 21.63 4.28
CA ILE A 356 12.71 22.55 4.36
C ILE A 356 12.44 23.09 2.96
N GLU A 357 11.23 22.83 2.44
CA GLU A 357 10.85 23.26 1.10
C GLU A 357 10.31 24.70 1.15
N TYR A 358 10.96 25.59 0.40
CA TYR A 358 10.60 27.01 0.34
C TYR A 358 9.34 27.24 -0.50
#